data_1RO5
#
_entry.id   1RO5
#
_cell.length_a   154.900
_cell.length_b   154.900
_cell.length_c   154.900
_cell.angle_alpha   90.00
_cell.angle_beta   90.00
_cell.angle_gamma   90.00
#
_symmetry.space_group_name_H-M   'F 2 3'
#
loop_
_entity.id
_entity.type
_entity.pdbx_description
1 polymer 'Autoinducer synthesis protein lasI'
2 non-polymer 'SULFATE ION'
3 non-polymer 'ZINC ION'
4 water water
#
_entity_poly.entity_id   1
_entity_poly.type   'polypeptide(L)'
_entity_poly.pdbx_seq_one_letter_code
;GSHMIVQIGRREEFDKKLLGEMHKLRAQVFKERKGWDVSVIDEMEIDGYDALSPYYMLIQEDGQVFGCWRILDTTGPYML
KNTFPELLHGKEAPCSPHIWELSRFAINSGQKGSLGFSDCTLEAMRALARYSLQNDIQTLVTVTTVGVEKMMIRAGLDVS
RFGPHLKIGIERAVALRIELNAKTQIALYGGVLVEQRLAVS
;
_entity_poly.pdbx_strand_id   A
#
# COMPACT_ATOMS: atom_id res chain seq x y z
N GLY A 1 -18.09 12.80 10.97
CA GLY A 1 -18.21 13.46 12.33
C GLY A 1 -17.56 12.71 13.49
N SER A 2 -17.19 11.42 13.26
CA SER A 2 -16.49 10.54 14.26
C SER A 2 -16.31 9.20 13.61
N HIS A 3 -16.74 9.11 12.38
CA HIS A 3 -16.56 7.91 11.63
C HIS A 3 -15.23 7.93 10.79
N MET A 4 -14.94 6.80 10.14
CA MET A 4 -13.82 6.67 9.24
C MET A 4 -14.21 7.00 7.80
N ILE A 5 -13.34 7.82 7.16
CA ILE A 5 -13.52 8.17 5.75
C ILE A 5 -12.34 7.56 5.04
N VAL A 6 -12.61 6.86 3.93
CA VAL A 6 -11.51 6.35 3.11
C VAL A 6 -11.60 7.03 1.72
N GLN A 7 -10.56 7.71 1.22
CA GLN A 7 -10.53 8.12 -0.16
C GLN A 7 -9.48 7.44 -1.06
N ILE A 8 -9.89 7.09 -2.25
CA ILE A 8 -9.00 6.53 -3.21
C ILE A 8 -9.12 7.26 -4.54
N GLY A 9 -8.00 7.78 -5.05
CA GLY A 9 -7.99 8.52 -6.28
C GLY A 9 -6.57 8.84 -6.72
N ARG A 10 -6.48 9.42 -7.90
CA ARG A 10 -5.25 9.83 -8.49
C ARG A 10 -4.79 11.04 -7.75
N ARG A 11 -3.47 11.23 -7.69
CA ARG A 11 -2.84 12.33 -7.00
C ARG A 11 -3.50 13.63 -7.31
N GLU A 12 -3.67 13.94 -8.60
CA GLU A 12 -4.36 15.12 -9.10
C GLU A 12 -5.73 15.30 -8.42
N GLU A 13 -6.51 14.23 -8.17
CA GLU A 13 -7.80 14.36 -7.44
C GLU A 13 -7.72 14.83 -5.93
N PHE A 14 -6.55 15.05 -5.34
CA PHE A 14 -6.57 15.35 -3.91
C PHE A 14 -6.04 16.74 -3.77
N ASP A 15 -6.49 17.42 -2.71
CA ASP A 15 -6.26 18.82 -2.39
C ASP A 15 -4.83 18.89 -1.93
N LYS A 16 -4.06 19.81 -2.47
CA LYS A 16 -2.68 20.11 -1.99
C LYS A 16 -2.45 20.00 -0.49
N LYS A 17 -3.53 20.12 0.28
CA LYS A 17 -3.46 20.10 1.74
C LYS A 17 -3.52 18.69 2.22
N LEU A 18 -4.43 17.92 1.69
CA LEU A 18 -4.48 16.52 2.04
C LEU A 18 -3.13 15.87 1.67
N LEU A 19 -2.60 16.20 0.47
CA LEU A 19 -1.37 15.59 -0.03
C LEU A 19 -0.28 15.94 0.94
N GLY A 20 -0.35 17.15 1.48
CA GLY A 20 0.75 17.58 2.37
C GLY A 20 0.63 16.79 3.65
N GLU A 21 -0.57 16.51 4.14
CA GLU A 21 -0.68 15.69 5.38
C GLU A 21 -0.25 14.22 5.14
N MET A 22 -0.58 13.65 3.95
CA MET A 22 -0.16 12.29 3.57
C MET A 22 1.36 12.13 3.60
N HIS A 23 2.05 13.08 2.99
CA HIS A 23 3.50 13.02 2.84
C HIS A 23 4.13 13.31 4.24
N LYS A 24 3.47 14.11 5.10
CA LYS A 24 3.99 14.34 6.46
C LYS A 24 3.88 13.03 7.22
N LEU A 25 2.74 12.35 7.13
CA LEU A 25 2.54 11.02 7.71
C LEU A 25 3.56 10.05 7.21
N ARG A 26 3.86 10.07 5.91
CA ARG A 26 4.92 9.18 5.40
C ARG A 26 6.28 9.56 5.97
N ALA A 27 6.54 10.89 6.15
CA ALA A 27 7.79 11.28 6.81
C ALA A 27 7.84 10.81 8.29
N GLN A 28 6.72 10.88 9.02
CA GLN A 28 6.70 10.47 10.39
C GLN A 28 7.01 8.98 10.45
N VAL A 29 6.53 8.25 9.44
CA VAL A 29 6.84 6.82 9.39
C VAL A 29 8.18 6.45 8.91
N PHE A 30 8.58 6.97 7.76
CA PHE A 30 9.79 6.56 7.01
C PHE A 30 11.04 7.40 7.29
N LYS A 31 10.93 8.51 8.01
CA LYS A 31 12.10 9.39 8.28
C LYS A 31 13.32 8.59 8.80
N GLU A 32 14.48 8.92 8.18
CA GLU A 32 15.80 8.26 8.34
C GLU A 32 15.83 6.71 8.28
N ARG A 33 14.70 6.02 8.01
CA ARG A 33 14.79 4.62 7.57
C ARG A 33 15.78 4.69 6.42
N LYS A 34 16.87 3.93 6.56
CA LYS A 34 17.80 3.68 5.47
C LYS A 34 17.39 2.44 4.71
N GLY A 35 17.77 2.46 3.45
CA GLY A 35 17.58 1.33 2.55
C GLY A 35 16.24 1.39 1.79
N TRP A 36 15.30 2.26 2.25
CA TRP A 36 14.00 2.29 1.60
C TRP A 36 13.89 3.42 0.57
N ASP A 37 15.10 3.92 0.16
CA ASP A 37 15.18 5.01 -0.82
C ASP A 37 14.27 6.21 -0.46
N VAL A 38 14.39 6.66 0.79
CA VAL A 38 13.61 7.69 1.34
C VAL A 38 14.26 9.01 1.12
N SER A 39 13.43 10.02 0.82
CA SER A 39 13.90 11.42 0.74
C SER A 39 12.82 12.22 1.43
N VAL A 40 13.26 13.07 2.36
CA VAL A 40 12.37 13.93 3.14
C VAL A 40 12.78 15.34 2.72
N ILE A 41 11.80 16.10 2.26
CA ILE A 41 11.93 17.38 1.70
C ILE A 41 10.95 18.16 2.59
N ASP A 42 11.46 19.15 3.35
CA ASP A 42 10.50 20.02 4.13
C ASP A 42 9.49 19.21 5.00
N GLU A 43 9.97 18.14 5.64
CA GLU A 43 9.15 17.32 6.51
C GLU A 43 8.14 16.42 5.75
N MET A 44 8.32 16.27 4.46
CA MET A 44 7.43 15.47 3.68
C MET A 44 8.23 14.40 3.05
N GLU A 45 7.75 13.16 3.11
CA GLU A 45 8.50 12.09 2.38
C GLU A 45 7.86 11.99 1.00
N ILE A 46 8.62 12.29 -0.03
CA ILE A 46 8.07 12.47 -1.39
C ILE A 46 9.17 12.02 -2.27
N ASP A 47 8.89 11.27 -3.34
CA ASP A 47 9.99 10.88 -4.25
C ASP A 47 9.53 10.94 -5.74
N GLY A 48 10.34 10.49 -6.62
CA GLY A 48 10.08 10.67 -8.03
C GLY A 48 8.86 9.83 -8.49
N TYR A 49 8.55 8.72 -7.78
CA TYR A 49 7.34 7.95 -8.08
C TYR A 49 6.10 8.79 -7.89
N ASP A 50 6.12 9.78 -6.99
CA ASP A 50 4.97 10.62 -6.77
C ASP A 50 4.71 11.51 -8.01
N ALA A 51 5.66 11.59 -8.89
CA ALA A 51 5.52 12.44 -10.06
C ALA A 51 5.15 11.52 -11.22
N LEU A 52 4.85 10.24 -10.93
CA LEU A 52 4.53 9.31 -12.04
C LEU A 52 3.10 8.92 -12.03
N SER A 53 2.23 9.83 -11.70
CA SER A 53 0.76 9.46 -11.75
C SER A 53 0.36 8.29 -10.80
N PRO A 54 0.71 8.38 -9.50
CA PRO A 54 0.30 7.31 -8.59
C PRO A 54 -1.17 7.56 -8.23
N TYR A 55 -1.83 6.52 -7.63
CA TYR A 55 -3.08 6.71 -6.89
C TYR A 55 -2.69 6.68 -5.41
N TYR A 56 -3.48 7.31 -4.55
CA TYR A 56 -3.34 7.21 -3.15
C TYR A 56 -4.61 6.67 -2.48
N MET A 57 -4.42 5.91 -1.42
CA MET A 57 -5.53 5.70 -0.53
C MET A 57 -5.19 6.40 0.79
N LEU A 58 -6.09 7.24 1.28
CA LEU A 58 -6.07 7.87 2.58
C LEU A 58 -7.22 7.36 3.51
N ILE A 59 -6.91 7.09 4.78
CA ILE A 59 -7.94 6.83 5.78
C ILE A 59 -7.96 8.02 6.66
N GLN A 60 -9.14 8.55 6.89
CA GLN A 60 -9.23 9.71 7.81
C GLN A 60 -10.18 9.55 8.98
N GLU A 61 -9.98 10.39 10.00
CA GLU A 61 -10.69 10.29 11.26
C GLU A 61 -10.40 11.57 11.99
N ASP A 62 -11.49 12.20 12.46
CA ASP A 62 -11.46 13.53 13.08
C ASP A 62 -10.65 14.58 12.26
N GLY A 63 -10.79 14.50 10.93
CA GLY A 63 -10.35 15.58 10.04
C GLY A 63 -8.89 15.44 9.63
N GLN A 64 -8.16 14.02 10.26
CA GLN A 64 -6.72 13.88 10.06
C GLN A 64 -6.53 12.63 9.28
N VAL A 65 -5.52 12.68 8.39
CA VAL A 65 -4.97 11.44 7.80
C VAL A 65 -4.35 10.56 8.87
N PHE A 66 -4.88 9.36 9.07
CA PHE A 66 -4.22 8.38 10.00
C PHE A 66 -3.56 7.25 9.27
N GLY A 67 -3.72 7.11 7.95
CA GLY A 67 -3.09 5.99 7.27
C GLY A 67 -3.10 6.31 5.80
N CYS A 68 -2.15 5.79 5.05
CA CYS A 68 -2.08 6.11 3.63
C CYS A 68 -1.29 5.05 2.94
N TRP A 69 -1.53 4.82 1.64
CA TRP A 69 -0.93 3.79 0.88
C TRP A 69 -0.83 4.42 -0.48
N ARG A 70 0.19 4.03 -1.25
CA ARG A 70 0.36 4.52 -2.61
C ARG A 70 0.21 3.31 -3.56
N ILE A 71 -0.34 3.54 -4.72
CA ILE A 71 -0.54 2.56 -5.72
C ILE A 71 0.01 3.04 -7.04
N LEU A 72 0.75 2.13 -7.73
CA LEU A 72 1.44 2.48 -9.01
C LEU A 72 1.12 1.40 -9.99
N ASP A 73 0.83 1.79 -11.25
CA ASP A 73 0.70 0.83 -12.35
C ASP A 73 1.97 0.14 -12.59
N THR A 74 1.88 -1.14 -12.97
CA THR A 74 3.10 -1.89 -13.29
C THR A 74 3.50 -1.76 -14.70
N THR A 75 2.63 -1.17 -15.48
CA THR A 75 3.03 -0.77 -16.83
C THR A 75 3.93 0.46 -16.84
N GLY A 76 4.07 1.18 -15.72
CA GLY A 76 5.04 2.29 -15.61
C GLY A 76 6.09 1.89 -14.57
N PRO A 77 6.97 2.80 -14.17
CA PRO A 77 7.99 2.43 -13.19
C PRO A 77 7.35 2.24 -11.78
N TYR A 78 7.85 1.27 -10.99
CA TYR A 78 7.34 1.04 -9.65
C TYR A 78 8.45 0.49 -8.79
N MET A 79 8.31 0.55 -7.45
CA MET A 79 9.48 0.43 -6.55
C MET A 79 10.02 -1.04 -6.63
N LEU A 80 9.19 -2.06 -6.90
CA LEU A 80 9.71 -3.45 -6.83
C LEU A 80 10.68 -3.59 -8.04
N LYS A 81 10.28 -3.03 -9.16
CA LYS A 81 11.00 -3.18 -10.42
C LYS A 81 12.17 -2.25 -10.43
N ASN A 82 12.02 -1.03 -9.89
CA ASN A 82 13.08 -0.06 -10.13
C ASN A 82 13.82 0.39 -8.93
N THR A 83 13.42 0.00 -7.72
CA THR A 83 14.15 0.38 -6.55
C THR A 83 14.60 -0.92 -5.80
N PHE A 84 13.79 -1.96 -5.86
CA PHE A 84 14.13 -3.09 -5.08
C PHE A 84 14.22 -4.35 -5.96
N PRO A 85 14.91 -4.30 -7.08
CA PRO A 85 14.88 -5.46 -7.99
C PRO A 85 15.48 -6.75 -7.37
N GLU A 86 16.42 -6.69 -6.43
CA GLU A 86 16.97 -7.89 -5.72
C GLU A 86 15.87 -8.77 -5.18
N LEU A 87 14.73 -8.18 -4.77
CA LEU A 87 13.69 -8.98 -4.15
C LEU A 87 12.93 -9.79 -5.19
N LEU A 88 13.19 -9.49 -6.45
CA LEU A 88 12.62 -10.31 -7.56
C LEU A 88 13.31 -11.70 -7.66
N HIS A 89 14.52 -11.82 -7.08
CA HIS A 89 15.35 -13.04 -7.19
C HIS A 89 15.51 -13.48 -8.66
N GLY A 90 15.83 -12.56 -9.54
CA GLY A 90 16.04 -12.90 -10.93
C GLY A 90 14.78 -13.18 -11.74
N LYS A 91 13.60 -13.28 -11.10
CA LYS A 91 12.32 -13.36 -11.85
C LYS A 91 12.00 -12.09 -12.58
N GLU A 92 11.11 -12.21 -13.53
CA GLU A 92 10.83 -11.07 -14.31
C GLU A 92 9.88 -10.15 -13.50
N ALA A 93 10.04 -8.83 -13.63
CA ALA A 93 9.16 -7.84 -12.95
C ALA A 93 7.82 -7.88 -13.67
N PRO A 94 6.75 -8.01 -12.95
CA PRO A 94 5.43 -8.01 -13.64
C PRO A 94 5.21 -6.66 -14.42
N CYS A 95 4.39 -6.70 -15.48
CA CYS A 95 4.11 -5.51 -16.26
C CYS A 95 2.77 -5.75 -16.88
N SER A 96 1.72 -5.17 -16.30
CA SER A 96 0.42 -5.48 -16.80
C SER A 96 -0.53 -4.43 -16.31
N PRO A 97 -1.49 -4.12 -17.12
CA PRO A 97 -2.55 -3.23 -16.73
C PRO A 97 -3.49 -3.84 -15.74
N HIS A 98 -3.33 -5.10 -15.43
CA HIS A 98 -4.21 -5.78 -14.47
C HIS A 98 -3.46 -5.98 -13.14
N ILE A 99 -2.23 -5.49 -13.07
CA ILE A 99 -1.50 -5.61 -11.83
C ILE A 99 -0.97 -4.18 -11.40
N TRP A 100 -1.06 -3.88 -10.09
CA TRP A 100 -0.62 -2.66 -9.52
C TRP A 100 0.31 -2.98 -8.39
N GLU A 101 1.13 -2.04 -8.05
CA GLU A 101 2.02 -2.12 -6.94
C GLU A 101 1.58 -1.21 -5.82
N LEU A 102 1.69 -1.75 -4.58
CA LEU A 102 1.46 -0.96 -3.39
C LEU A 102 2.83 -0.61 -2.80
N SER A 103 2.88 0.59 -2.18
CA SER A 103 4.09 1.04 -1.55
C SER A 103 3.83 2.06 -0.50
N ARG A 104 4.82 2.37 0.34
CA ARG A 104 4.63 3.47 1.31
C ARG A 104 3.44 3.32 2.26
N PHE A 105 3.29 2.14 2.90
CA PHE A 105 2.27 1.96 3.93
C PHE A 105 2.63 2.75 5.08
N ALA A 106 1.83 3.69 5.48
CA ALA A 106 2.19 4.53 6.58
C ALA A 106 0.93 4.71 7.44
N ILE A 107 1.02 4.33 8.73
CA ILE A 107 -0.11 4.41 9.70
C ILE A 107 0.32 5.19 10.91
N ASN A 108 -0.44 6.21 11.23
CA ASN A 108 -0.14 7.00 12.37
C ASN A 108 -0.17 6.10 13.63
N SER A 109 0.97 6.13 14.32
CA SER A 109 1.16 5.23 15.46
C SER A 109 0.64 5.76 16.88
N GLY A 110 0.65 7.11 17.11
CA GLY A 110 0.10 7.82 18.28
C GLY A 110 -1.23 7.35 18.90
N GLN A 111 -1.66 8.10 19.93
CA GLN A 111 -2.91 7.85 20.76
C GLN A 111 -4.31 7.91 20.08
N LYS A 112 -4.34 8.77 19.05
CA LYS A 112 -5.55 9.22 18.38
C LYS A 112 -6.03 8.23 17.28
N GLY A 113 -5.23 7.19 16.97
CA GLY A 113 -5.66 6.10 16.11
C GLY A 113 -6.88 5.34 16.68
N SER A 114 -8.11 5.81 16.39
CA SER A 114 -9.33 5.31 17.07
C SER A 114 -9.89 4.01 16.51
N LEU A 115 -9.15 3.27 15.71
CA LEU A 115 -9.71 2.00 15.24
C LEU A 115 -8.92 0.77 15.70
N GLY A 116 -7.63 0.95 15.84
CA GLY A 116 -6.75 -0.20 16.02
C GLY A 116 -5.75 -0.04 14.91
N PHE A 117 -5.23 -1.17 14.47
CA PHE A 117 -4.09 -1.20 13.55
C PHE A 117 -4.00 -2.51 12.72
N SER A 118 -4.18 -3.66 13.41
CA SER A 118 -4.40 -4.97 12.71
C SER A 118 -5.50 -4.62 11.69
N ASP A 119 -6.59 -4.08 12.25
CA ASP A 119 -7.80 -3.68 11.53
C ASP A 119 -7.73 -2.47 10.62
N CYS A 120 -7.07 -1.40 11.08
CA CYS A 120 -6.89 -0.28 10.22
C CYS A 120 -6.48 -0.86 8.88
N THR A 121 -5.46 -1.71 8.91
CA THR A 121 -5.01 -2.38 7.71
C THR A 121 -6.09 -3.19 6.98
N LEU A 122 -6.89 -3.94 7.72
CA LEU A 122 -7.99 -4.70 7.18
C LEU A 122 -8.82 -3.78 6.34
N GLU A 123 -9.26 -2.69 6.96
CA GLU A 123 -10.16 -1.79 6.32
C GLU A 123 -9.58 -1.21 5.03
N ALA A 124 -8.31 -0.83 5.14
CA ALA A 124 -7.58 -0.40 3.98
C ALA A 124 -7.56 -1.47 2.95
N MET A 125 -7.38 -2.71 3.31
CA MET A 125 -7.28 -3.66 2.23
C MET A 125 -8.67 -3.97 1.58
N ARG A 126 -9.72 -3.80 2.40
CA ARG A 126 -11.09 -4.04 1.95
C ARG A 126 -11.38 -3.03 0.95
N ALA A 127 -11.09 -1.76 1.27
CA ALA A 127 -11.39 -0.65 0.33
C ALA A 127 -10.49 -0.74 -0.90
N LEU A 128 -9.20 -1.07 -0.66
CA LEU A 128 -8.26 -1.16 -1.75
C LEU A 128 -8.54 -2.29 -2.72
N ALA A 129 -8.83 -3.48 -2.19
CA ALA A 129 -9.05 -4.64 -3.04
C ALA A 129 -10.32 -4.47 -3.95
N ARG A 130 -11.26 -3.73 -3.45
CA ARG A 130 -12.50 -3.46 -4.11
C ARG A 130 -12.38 -2.44 -5.24
N TYR A 131 -11.71 -1.32 -4.93
CA TYR A 131 -11.34 -0.35 -5.91
C TYR A 131 -10.49 -0.99 -6.96
N SER A 132 -9.59 -1.88 -6.60
CA SER A 132 -8.79 -2.49 -7.64
C SER A 132 -9.64 -3.46 -8.49
N LEU A 133 -10.51 -4.23 -7.84
CA LEU A 133 -11.27 -5.25 -8.58
C LEU A 133 -12.24 -4.52 -9.54
N GLN A 134 -12.84 -3.43 -9.10
CA GLN A 134 -13.64 -2.61 -9.97
C GLN A 134 -12.90 -1.91 -11.06
N ASN A 135 -11.56 -1.91 -11.02
CA ASN A 135 -10.77 -1.36 -12.11
C ASN A 135 -10.06 -2.48 -12.81
N ASP A 136 -10.65 -3.67 -12.78
CA ASP A 136 -10.15 -4.87 -13.49
C ASP A 136 -8.73 -5.31 -13.10
N ILE A 137 -8.40 -5.17 -11.82
CA ILE A 137 -7.08 -5.61 -11.41
C ILE A 137 -7.13 -7.05 -10.75
N GLN A 138 -6.28 -7.98 -11.15
CA GLN A 138 -6.30 -9.27 -10.48
C GLN A 138 -5.27 -9.50 -9.39
N THR A 139 -4.20 -8.70 -9.37
CA THR A 139 -3.06 -8.88 -8.53
C THR A 139 -2.47 -7.56 -8.02
N LEU A 140 -2.15 -7.55 -6.76
CA LEU A 140 -1.34 -6.50 -6.16
C LEU A 140 0.06 -6.99 -5.79
N VAL A 141 1.12 -6.28 -6.19
CA VAL A 141 2.41 -6.64 -5.68
C VAL A 141 2.92 -5.54 -4.72
N THR A 142 3.83 -5.87 -3.82
CA THR A 142 4.36 -4.86 -2.94
C THR A 142 5.68 -5.32 -2.33
N VAL A 143 6.52 -4.40 -1.93
CA VAL A 143 7.68 -4.71 -1.09
C VAL A 143 7.30 -4.22 0.29
N THR A 144 7.22 -5.15 1.24
CA THR A 144 6.85 -4.80 2.58
C THR A 144 7.75 -5.65 3.55
N THR A 145 7.44 -5.71 4.87
CA THR A 145 8.26 -6.52 5.74
C THR A 145 7.61 -7.88 5.99
N VAL A 146 8.44 -8.74 6.58
CA VAL A 146 7.99 -10.09 6.93
C VAL A 146 6.84 -10.08 7.87
N GLY A 147 6.84 -9.07 8.75
CA GLY A 147 5.74 -8.77 9.71
C GLY A 147 4.43 -8.62 8.96
N VAL A 148 4.40 -7.72 7.97
CA VAL A 148 3.12 -7.45 7.33
C VAL A 148 2.75 -8.70 6.50
N GLU A 149 3.77 -9.39 5.98
CA GLU A 149 3.49 -10.61 5.23
C GLU A 149 2.67 -11.59 6.09
N LYS A 150 3.13 -11.80 7.33
CA LYS A 150 2.39 -12.75 8.20
C LYS A 150 1.09 -12.20 8.65
N MET A 151 0.98 -10.91 8.76
CA MET A 151 -0.28 -10.36 9.18
C MET A 151 -1.35 -10.70 8.09
N MET A 152 -0.87 -10.85 6.85
CA MET A 152 -1.72 -10.99 5.71
C MET A 152 -1.90 -12.46 5.51
N ILE A 153 -0.86 -13.30 5.60
CA ILE A 153 -1.15 -14.74 5.47
C ILE A 153 -2.19 -15.21 6.57
N ARG A 154 -2.15 -14.63 7.77
CA ARG A 154 -3.03 -14.94 8.86
C ARG A 154 -4.46 -14.46 8.62
N ALA A 155 -4.60 -13.30 8.00
CA ALA A 155 -5.95 -12.79 7.80
C ALA A 155 -6.67 -13.62 6.68
N GLY A 156 -5.99 -14.63 6.11
CA GLY A 156 -6.55 -15.43 5.07
C GLY A 156 -6.21 -15.14 3.60
N LEU A 157 -5.49 -14.04 3.30
CA LEU A 157 -5.32 -13.61 1.94
C LEU A 157 -4.50 -14.62 1.21
N ASP A 158 -4.56 -14.56 -0.11
CA ASP A 158 -3.78 -15.48 -0.83
C ASP A 158 -2.52 -14.68 -1.22
N VAL A 159 -1.38 -15.00 -0.64
CA VAL A 159 -0.19 -14.17 -0.64
C VAL A 159 0.98 -15.05 -0.81
N SER A 160 1.84 -14.69 -1.75
CA SER A 160 2.96 -15.56 -2.01
C SER A 160 4.10 -14.57 -2.20
N ARG A 161 5.33 -15.02 -2.10
CA ARG A 161 6.47 -14.22 -2.19
C ARG A 161 7.28 -14.58 -3.46
N PHE A 162 8.00 -13.61 -4.01
CA PHE A 162 8.84 -13.79 -5.17
C PHE A 162 10.11 -14.63 -4.85
N GLY A 163 10.61 -14.54 -3.62
CA GLY A 163 11.80 -15.21 -3.23
C GLY A 163 12.05 -14.92 -1.74
N PRO A 164 13.22 -15.32 -1.25
CA PRO A 164 13.56 -15.10 0.19
C PRO A 164 13.46 -13.61 0.63
N HIS A 165 13.11 -13.30 1.87
CA HIS A 165 13.25 -11.97 2.40
C HIS A 165 14.75 -11.55 2.48
N LEU A 166 15.04 -10.24 2.53
CA LEU A 166 16.41 -9.70 2.56
C LEU A 166 16.42 -8.57 3.57
N LYS A 167 17.57 -8.33 4.18
CA LYS A 167 17.69 -7.26 5.11
C LYS A 167 17.69 -5.94 4.33
N ILE A 168 16.65 -5.14 4.52
CA ILE A 168 16.69 -3.81 3.95
C ILE A 168 16.65 -2.83 5.09
N GLY A 169 17.74 -2.05 5.23
CA GLY A 169 17.91 -1.16 6.39
C GLY A 169 17.91 -2.00 7.68
N ILE A 170 16.95 -1.76 8.59
CA ILE A 170 16.90 -2.55 9.83
C ILE A 170 15.77 -3.58 9.71
N GLU A 171 15.15 -3.67 8.52
CA GLU A 171 14.00 -4.59 8.35
C GLU A 171 14.42 -5.89 7.59
N ARG A 172 13.62 -6.94 7.76
CA ARG A 172 13.56 -8.06 6.85
C ARG A 172 12.48 -7.83 5.85
N ALA A 173 12.85 -7.54 4.64
CA ALA A 173 11.85 -7.09 3.65
C ALA A 173 11.62 -8.22 2.70
N VAL A 174 10.45 -8.29 2.06
CA VAL A 174 10.17 -9.29 1.08
C VAL A 174 9.25 -8.67 0.04
N ALA A 175 9.25 -9.18 -1.21
CA ALA A 175 8.31 -8.83 -2.28
C ALA A 175 7.18 -9.83 -2.28
N LEU A 176 5.94 -9.34 -2.19
CA LEU A 176 4.81 -10.18 -2.18
C LEU A 176 3.95 -10.06 -3.44
N ARG A 177 3.29 -11.13 -3.85
CA ARG A 177 2.12 -11.04 -4.74
C ARG A 177 0.79 -11.36 -4.07
N ILE A 178 -0.20 -10.46 -4.11
CA ILE A 178 -1.39 -10.65 -3.34
C ILE A 178 -2.42 -10.87 -4.44
N GLU A 179 -2.90 -12.11 -4.65
CA GLU A 179 -3.94 -12.39 -5.68
C GLU A 179 -5.26 -11.90 -5.22
N LEU A 180 -5.96 -11.11 -6.01
CA LEU A 180 -7.29 -10.67 -5.50
C LEU A 180 -8.45 -11.69 -5.91
N ASN A 181 -8.15 -12.99 -5.78
CA ASN A 181 -9.08 -14.03 -6.18
C ASN A 181 -10.11 -14.24 -5.05
N ALA A 182 -10.77 -15.39 -5.16
CA ALA A 182 -11.89 -15.82 -4.34
C ALA A 182 -11.43 -15.98 -2.90
N LYS A 183 -10.30 -16.67 -2.75
CA LYS A 183 -9.83 -16.87 -1.39
C LYS A 183 -9.63 -15.50 -0.59
N THR A 184 -9.03 -14.52 -1.32
CA THR A 184 -8.81 -13.14 -0.76
C THR A 184 -10.08 -12.49 -0.51
N GLN A 185 -10.93 -12.58 -1.51
CA GLN A 185 -12.19 -11.89 -1.41
C GLN A 185 -12.97 -12.41 -0.22
N ILE A 186 -12.96 -13.75 -0.03
CA ILE A 186 -13.76 -14.36 1.04
C ILE A 186 -13.15 -13.94 2.41
N ALA A 187 -11.83 -14.01 2.52
CA ALA A 187 -11.08 -13.50 3.69
C ALA A 187 -11.44 -12.12 4.00
N LEU A 188 -11.46 -11.24 3.00
CA LEU A 188 -11.84 -9.85 3.25
C LEU A 188 -13.29 -9.49 3.53
N TYR A 189 -14.22 -10.16 2.82
CA TYR A 189 -15.62 -9.73 2.84
C TYR A 189 -16.61 -10.74 3.39
N GLY A 190 -16.18 -11.99 3.56
CA GLY A 190 -17.05 -13.03 4.05
C GLY A 190 -17.55 -13.77 2.83
N GLY A 191 -17.47 -13.17 1.64
CA GLY A 191 -17.68 -13.96 0.42
C GLY A 191 -17.08 -13.34 -0.83
N VAL A 192 -17.59 -13.74 -2.01
CA VAL A 192 -17.10 -13.27 -3.30
C VAL A 192 -17.71 -11.88 -3.56
N LEU A 193 -16.88 -10.92 -3.97
CA LEU A 193 -17.41 -9.57 -4.15
C LEU A 193 -18.34 -9.56 -5.38
N VAL A 194 -19.49 -8.92 -5.26
CA VAL A 194 -20.35 -8.86 -6.42
C VAL A 194 -20.65 -7.43 -6.68
N GLU A 195 -20.27 -6.94 -7.86
CA GLU A 195 -20.54 -5.56 -8.24
C GLU A 195 -21.82 -5.43 -9.14
N GLN A 196 -22.69 -4.47 -8.86
CA GLN A 196 -23.86 -4.14 -9.65
C GLN A 196 -23.61 -3.02 -10.69
N ARG A 197 -24.04 -3.22 -11.93
CA ARG A 197 -24.17 -2.12 -12.91
C ARG A 197 -25.63 -1.96 -13.45
#